data_8OH0
#
_entry.id   8OH0
#
_cell.length_a   118.980
_cell.length_b   39.100
_cell.length_c   68.300
_cell.angle_alpha   90.000
_cell.angle_beta   95.340
_cell.angle_gamma   90.000
#
_symmetry.space_group_name_H-M   'C 1 2 1'
#
loop_
_entity.id
_entity.type
_entity.pdbx_description
1 polymer 'Cyclic di-AMP synthase CdaA'
2 non-polymer 1-(2-ethylsulfonylethyl)-1,3,3-trimethyl-urea
3 non-polymer 'MAGNESIUM ION'
4 water water
#
_entity_poly.entity_id   1
_entity_poly.type   'polypeptide(L)'
_entity_poly.pdbx_seq_one_letter_code
;GPTPVEEAQQKTIEAITKAINYMAKRRIGALLTIERDTGMGDYIETGIPLNAKVSSELLINIFIPNTPLHDGAVIMKNNE
IAAAACYLPLSESPFISKELGTRHRAAVGISEVTDSLTIIVSEETGGVSVAKNGDLHRELTEEALKEMLEAEFK
;
_entity_poly.pdbx_strand_id   A,B
#
loop_
_chem_comp.id
_chem_comp.type
_chem_comp.name
_chem_comp.formula
MG non-polymer 'MAGNESIUM ION' 'Mg 2'
VNO non-polymer 1-(2-ethylsulfonylethyl)-1,3,3-trimethyl-urea 'C8 H18 N2 O3 S'
#
# COMPACT_ATOMS: atom_id res chain seq x y z
N PRO A 2 -9.46 -14.12 -25.46
CA PRO A 2 -9.19 -12.73 -25.05
C PRO A 2 -7.74 -12.31 -25.30
N THR A 3 -7.54 -11.02 -25.57
CA THR A 3 -6.23 -10.46 -25.81
C THR A 3 -5.57 -10.08 -24.49
N PRO A 4 -4.25 -9.87 -24.48
CA PRO A 4 -3.58 -9.42 -23.25
C PRO A 4 -4.24 -8.22 -22.60
N VAL A 5 -4.65 -7.21 -23.38
CA VAL A 5 -5.30 -6.03 -22.78
C VAL A 5 -6.61 -6.43 -22.13
N GLU A 6 -7.38 -7.28 -22.79
CA GLU A 6 -8.66 -7.72 -22.22
C GLU A 6 -8.44 -8.54 -20.96
N GLU A 7 -7.46 -9.43 -20.95
CA GLU A 7 -7.18 -10.19 -19.74
C GLU A 7 -6.76 -9.27 -18.61
N ALA A 8 -5.99 -8.22 -18.92
CA ALA A 8 -5.53 -7.29 -17.90
C ALA A 8 -6.69 -6.50 -17.31
N GLN A 9 -7.64 -6.09 -18.16
CA GLN A 9 -8.79 -5.36 -17.67
C GLN A 9 -9.65 -6.23 -16.77
N GLN A 10 -9.83 -7.49 -17.16
CA GLN A 10 -10.63 -8.39 -16.33
C GLN A 10 -9.95 -8.64 -14.99
N LYS A 11 -8.63 -8.78 -14.98
CA LYS A 11 -7.90 -9.00 -13.72
C LYS A 11 -8.09 -7.81 -12.79
N THR A 12 -8.04 -6.60 -13.34
CA THR A 12 -8.22 -5.39 -12.53
C THR A 12 -9.64 -5.29 -11.99
N ILE A 13 -10.64 -5.62 -12.81
CA ILE A 13 -12.01 -5.64 -12.33
C ILE A 13 -12.16 -6.62 -11.17
N GLU A 14 -11.56 -7.81 -11.30
CA GLU A 14 -11.68 -8.81 -10.24
C GLU A 14 -11.00 -8.34 -8.96
N ALA A 15 -9.84 -7.69 -9.09
CA ALA A 15 -9.15 -7.18 -7.91
C ALA A 15 -9.98 -6.11 -7.21
N ILE A 16 -10.59 -5.20 -8.00
CA ILE A 16 -11.42 -4.16 -7.41
C ILE A 16 -12.63 -4.78 -6.71
N THR A 17 -13.33 -5.69 -7.38
CA THR A 17 -14.55 -6.22 -6.78
C THR A 17 -14.24 -6.98 -5.50
N LYS A 18 -13.13 -7.72 -5.48
CA LYS A 18 -12.77 -8.47 -4.29
C LYS A 18 -12.48 -7.52 -3.13
N ALA A 19 -11.78 -6.42 -3.40
CA ALA A 19 -11.45 -5.48 -2.34
C ALA A 19 -12.71 -4.78 -1.83
N ILE A 20 -13.58 -4.37 -2.77
CA ILE A 20 -14.82 -3.71 -2.40
C ILE A 20 -15.67 -4.63 -1.54
N ASN A 21 -15.73 -5.92 -1.90
CA ASN A 21 -16.56 -6.85 -1.12
C ASN A 21 -16.03 -7.00 0.30
N TYR A 22 -14.70 -7.05 0.45
CA TYR A 22 -14.10 -7.18 1.77
C TYR A 22 -14.43 -5.96 2.62
N MET A 23 -14.32 -4.77 2.04
CA MET A 23 -14.59 -3.55 2.77
C MET A 23 -16.05 -3.37 3.07
N ALA A 24 -16.94 -3.76 2.16
CA ALA A 24 -18.36 -3.68 2.44
C ALA A 24 -18.73 -4.55 3.64
N LYS A 25 -18.18 -5.77 3.69
CA LYS A 25 -18.49 -6.68 4.79
C LYS A 25 -18.09 -6.09 6.15
N ARG A 26 -16.96 -5.40 6.18
CA ARG A 26 -16.42 -4.85 7.42
C ARG A 26 -16.79 -3.39 7.64
N ARG A 27 -17.61 -2.82 6.74
CA ARG A 27 -18.00 -1.40 6.82
C ARG A 27 -16.79 -0.49 6.97
N ILE A 28 -15.82 -0.71 6.08
CA ILE A 28 -14.64 0.13 5.93
C ILE A 28 -14.94 1.17 4.85
N GLY A 29 -14.91 2.44 5.22
CA GLY A 29 -15.15 3.48 4.23
C GLY A 29 -14.08 3.49 3.17
N ALA A 30 -14.50 3.69 1.91
CA ALA A 30 -13.53 3.70 0.83
C ALA A 30 -14.02 4.59 -0.29
N LEU A 31 -13.07 5.09 -1.08
CA LEU A 31 -13.34 6.02 -2.16
C LEU A 31 -12.30 5.75 -3.24
N LEU A 32 -12.74 5.26 -4.39
CA LEU A 32 -11.87 4.76 -5.44
C LEU A 32 -12.36 5.31 -6.77
N THR A 33 -11.60 6.20 -7.36
CA THR A 33 -11.95 6.86 -8.62
C THR A 33 -11.09 6.28 -9.73
N ILE A 34 -11.73 5.91 -10.83
CA ILE A 34 -11.05 5.39 -12.01
C ILE A 34 -11.08 6.48 -13.08
N GLU A 35 -9.89 6.99 -13.43
CA GLU A 35 -9.77 8.00 -14.47
C GLU A 35 -10.14 7.40 -15.82
N ARG A 36 -10.84 8.18 -16.63
CA ARG A 36 -11.23 7.78 -17.98
C ARG A 36 -10.65 8.76 -19.00
N ASP A 37 -11.48 9.35 -19.88
CA ASP A 37 -10.95 10.23 -20.90
C ASP A 37 -10.55 11.58 -20.35
N THR A 38 -11.24 12.07 -19.31
CA THR A 38 -10.88 13.35 -18.73
C THR A 38 -9.69 13.16 -17.79
N GLY A 39 -8.60 13.87 -18.06
CA GLY A 39 -7.41 13.74 -17.24
C GLY A 39 -7.62 14.29 -15.84
N MET A 40 -7.09 13.57 -14.86
CA MET A 40 -7.24 13.92 -13.45
C MET A 40 -5.91 14.15 -12.76
N GLY A 41 -4.91 14.57 -13.53
CA GLY A 41 -3.59 14.79 -12.96
C GLY A 41 -3.58 15.77 -11.81
N ASP A 42 -4.38 16.84 -11.91
CA ASP A 42 -4.40 17.84 -10.85
C ASP A 42 -4.88 17.25 -9.52
N TYR A 43 -5.77 16.28 -9.56
CA TYR A 43 -6.21 15.63 -8.32
C TYR A 43 -5.24 14.54 -7.87
N ILE A 44 -4.67 13.79 -8.82
CA ILE A 44 -3.65 12.80 -8.49
C ILE A 44 -2.51 13.44 -7.73
N GLU A 45 -2.13 14.66 -8.14
CA GLU A 45 -0.99 15.33 -7.53
C GLU A 45 -1.25 15.76 -6.11
N THR A 46 -2.50 15.76 -5.65
CA THR A 46 -2.76 16.13 -4.27
C THR A 46 -2.53 14.98 -3.30
N GLY A 47 -2.38 13.74 -3.79
CA GLY A 47 -2.23 12.59 -2.94
C GLY A 47 -0.79 12.13 -2.77
N ILE A 48 -0.66 10.94 -2.20
CA ILE A 48 0.63 10.29 -2.02
C ILE A 48 0.89 9.45 -3.27
N PRO A 49 1.98 9.69 -4.00
CA PRO A 49 2.22 8.89 -5.21
C PRO A 49 2.49 7.44 -4.90
N LEU A 50 1.87 6.56 -5.70
CA LEU A 50 2.09 5.13 -5.64
C LEU A 50 2.56 4.54 -6.96
N ASN A 51 1.83 4.81 -8.03
CA ASN A 51 2.09 4.19 -9.32
C ASN A 51 2.32 2.68 -9.19
N ALA A 52 1.39 2.04 -8.51
CA ALA A 52 1.50 0.66 -8.09
C ALA A 52 0.62 -0.26 -8.93
N LYS A 53 1.06 -1.50 -9.07
CA LYS A 53 0.20 -2.53 -9.64
C LYS A 53 -1.04 -2.70 -8.79
N VAL A 54 -2.19 -2.91 -9.44
CA VAL A 54 -3.42 -3.15 -8.72
C VAL A 54 -3.39 -4.55 -8.13
N SER A 55 -3.83 -4.68 -6.88
CA SER A 55 -4.15 -5.96 -6.29
C SER A 55 -5.27 -5.71 -5.29
N SER A 56 -6.09 -6.74 -5.05
CA SER A 56 -7.09 -6.58 -3.99
C SER A 56 -6.43 -6.34 -2.65
N GLU A 57 -5.28 -6.99 -2.41
CA GLU A 57 -4.57 -6.85 -1.15
C GLU A 57 -4.12 -5.42 -0.92
N LEU A 58 -3.52 -4.79 -1.93
CA LEU A 58 -3.07 -3.41 -1.75
C LEU A 58 -4.25 -2.47 -1.55
N LEU A 59 -5.32 -2.64 -2.33
CA LEU A 59 -6.49 -1.78 -2.13
C LEU A 59 -6.99 -1.88 -0.68
N ILE A 60 -7.10 -3.10 -0.16
CA ILE A 60 -7.57 -3.28 1.22
C ILE A 60 -6.62 -2.60 2.21
N ASN A 61 -5.30 -2.82 2.05
CA ASN A 61 -4.33 -2.24 2.98
C ASN A 61 -4.37 -0.70 2.95
N ILE A 62 -4.68 -0.12 1.79
CA ILE A 62 -4.76 1.34 1.71
C ILE A 62 -5.86 1.87 2.61
N PHE A 63 -7.03 1.25 2.59
CA PHE A 63 -8.20 1.83 3.23
C PHE A 63 -8.40 1.42 4.69
N ILE A 64 -7.42 0.79 5.32
CA ILE A 64 -7.62 0.41 6.71
C ILE A 64 -7.83 1.66 7.56
N PRO A 65 -8.85 1.70 8.41
CA PRO A 65 -9.10 2.92 9.20
C PRO A 65 -7.90 3.26 10.08
N ASN A 66 -7.73 4.56 10.34
CA ASN A 66 -6.71 5.08 11.24
C ASN A 66 -5.29 4.84 10.71
N THR A 67 -5.12 4.79 9.39
CA THR A 67 -3.80 4.60 8.82
C THR A 67 -3.46 5.82 7.97
N PRO A 68 -2.20 6.00 7.58
CA PRO A 68 -1.85 7.19 6.79
C PRO A 68 -2.65 7.34 5.50
N LEU A 69 -2.87 6.26 4.76
CA LEU A 69 -3.38 6.38 3.40
C LEU A 69 -4.89 6.35 3.28
N HIS A 70 -5.62 6.14 4.38
CA HIS A 70 -7.05 5.90 4.27
C HIS A 70 -7.88 7.17 4.03
N ASP A 71 -7.31 8.35 4.29
CA ASP A 71 -8.07 9.61 4.29
C ASP A 71 -8.03 10.26 2.91
N GLY A 72 -9.02 9.99 2.09
CA GLY A 72 -9.05 10.56 0.76
C GLY A 72 -9.26 9.48 -0.27
N ALA A 73 -9.13 9.86 -1.53
CA ALA A 73 -9.47 8.96 -2.63
C ALA A 73 -8.23 8.28 -3.18
N VAL A 74 -8.38 7.00 -3.52
CA VAL A 74 -7.46 6.33 -4.43
C VAL A 74 -7.87 6.72 -5.85
N ILE A 75 -6.91 7.05 -6.70
CA ILE A 75 -7.19 7.31 -8.12
C ILE A 75 -6.40 6.32 -8.95
N MET A 76 -7.10 5.59 -9.80
CA MET A 76 -6.51 4.65 -10.73
C MET A 76 -6.44 5.25 -12.11
N LYS A 77 -5.39 4.89 -12.83
CA LYS A 77 -5.11 5.44 -14.16
C LYS A 77 -4.25 4.42 -14.87
N ASN A 78 -4.58 4.13 -16.12
CA ASN A 78 -3.78 3.22 -16.95
C ASN A 78 -3.51 1.89 -16.24
N ASN A 79 -4.53 1.38 -15.54
CA ASN A 79 -4.50 0.05 -14.93
C ASN A 79 -3.54 -0.02 -13.73
N GLU A 80 -3.22 1.11 -13.13
CA GLU A 80 -2.39 1.17 -11.95
C GLU A 80 -3.06 2.07 -10.94
N ILE A 81 -2.66 1.92 -9.68
CA ILE A 81 -3.04 2.84 -8.62
C ILE A 81 -2.08 4.03 -8.68
N ALA A 82 -2.55 5.18 -9.15
CA ALA A 82 -1.65 6.31 -9.35
C ALA A 82 -1.27 6.94 -8.02
N ALA A 83 -2.25 7.18 -7.15
CA ALA A 83 -2.01 7.81 -5.87
C ALA A 83 -3.14 7.47 -4.90
N ALA A 84 -2.86 7.66 -3.62
CA ALA A 84 -3.84 7.48 -2.56
C ALA A 84 -3.95 8.75 -1.74
N ALA A 85 -5.01 8.85 -0.92
CA ALA A 85 -5.23 10.01 -0.07
C ALA A 85 -5.35 11.29 -0.89
N CYS A 86 -6.03 11.20 -2.03
CA CYS A 86 -6.18 12.34 -2.92
C CYS A 86 -7.42 13.16 -2.55
N TYR A 87 -7.33 14.45 -2.81
CA TYR A 87 -8.49 15.34 -2.67
C TYR A 87 -9.39 15.19 -3.89
N LEU A 88 -10.70 15.21 -3.65
CA LEU A 88 -11.71 15.33 -4.69
C LEU A 88 -12.64 16.46 -4.30
N PRO A 89 -13.24 17.15 -5.27
CA PRO A 89 -14.11 18.29 -4.93
C PRO A 89 -15.44 17.82 -4.39
N LEU A 90 -15.94 18.52 -3.38
CA LEU A 90 -17.24 18.19 -2.81
C LEU A 90 -18.38 18.75 -3.65
N SER A 91 -19.32 17.88 -4.02
CA SER A 91 -20.51 18.32 -4.71
C SER A 91 -21.36 19.21 -3.82
N GLU A 92 -21.99 20.21 -4.44
CA GLU A 92 -23.02 21.01 -3.80
C GLU A 92 -24.41 20.62 -4.27
N SER A 93 -24.55 19.47 -4.90
CA SER A 93 -25.85 19.05 -5.44
C SER A 93 -26.84 18.89 -4.29
N PRO A 94 -28.05 19.45 -4.38
CA PRO A 94 -29.03 19.22 -3.32
C PRO A 94 -29.78 17.91 -3.43
N PHE A 95 -29.39 17.04 -4.38
CA PHE A 95 -30.15 15.84 -4.70
C PHE A 95 -29.43 14.55 -4.31
N ILE A 96 -28.45 14.65 -3.44
CA ILE A 96 -27.80 13.49 -2.83
C ILE A 96 -28.55 13.17 -1.56
N SER A 97 -28.76 11.88 -1.31
CA SER A 97 -29.44 11.44 -0.11
C SER A 97 -28.86 12.15 1.11
N LYS A 98 -29.75 12.70 1.93
CA LYS A 98 -29.30 13.59 2.99
C LYS A 98 -28.53 12.85 4.09
N GLU A 99 -28.65 11.53 4.19
CA GLU A 99 -27.92 10.82 5.23
C GLU A 99 -26.46 10.58 4.88
N LEU A 100 -26.04 10.91 3.67
CA LEU A 100 -24.69 10.62 3.22
C LEU A 100 -23.76 11.77 3.54
N GLY A 101 -22.49 11.43 3.74
CA GLY A 101 -21.50 12.40 4.15
C GLY A 101 -20.47 12.76 3.09
N THR A 102 -19.28 13.17 3.52
CA THR A 102 -18.34 13.81 2.62
C THR A 102 -17.74 12.84 1.61
N ARG A 103 -17.57 11.57 1.96
CA ARG A 103 -17.07 10.59 1.00
C ARG A 103 -17.94 10.56 -0.25
N HIS A 104 -19.24 10.44 -0.05
CA HIS A 104 -20.15 10.36 -1.19
C HIS A 104 -20.23 11.69 -1.92
N ARG A 105 -20.18 12.81 -1.19
CA ARG A 105 -20.23 14.11 -1.84
C ARG A 105 -18.97 14.35 -2.66
N ALA A 106 -17.83 13.84 -2.20
CA ALA A 106 -16.59 13.93 -2.96
C ALA A 106 -16.68 13.11 -4.25
N ALA A 107 -17.25 11.91 -4.16
CA ALA A 107 -17.41 11.08 -5.36
C ALA A 107 -18.32 11.74 -6.38
N VAL A 108 -19.46 12.25 -5.93
CA VAL A 108 -20.35 12.95 -6.86
C VAL A 108 -19.65 14.19 -7.43
N GLY A 109 -18.93 14.91 -6.58
CA GLY A 109 -18.25 16.11 -7.03
C GLY A 109 -17.27 15.87 -8.16
N ILE A 110 -16.42 14.84 -8.03
CA ILE A 110 -15.51 14.57 -9.13
C ILE A 110 -16.28 14.10 -10.37
N SER A 111 -17.39 13.37 -10.17
CA SER A 111 -18.17 12.89 -11.32
C SER A 111 -18.89 14.00 -12.04
N GLU A 112 -19.00 15.19 -11.44
CA GLU A 112 -19.68 16.30 -12.09
C GLU A 112 -18.78 16.99 -13.11
N VAL A 113 -17.45 16.86 -12.97
CA VAL A 113 -16.48 17.60 -13.75
C VAL A 113 -15.53 16.68 -14.53
N THR A 114 -15.78 15.39 -14.50
CA THR A 114 -15.00 14.42 -15.25
C THR A 114 -15.93 13.31 -15.69
N ASP A 115 -15.45 12.48 -16.63
CA ASP A 115 -16.14 11.27 -17.02
C ASP A 115 -15.69 10.05 -16.22
N SER A 116 -15.09 10.25 -15.05
CA SER A 116 -14.58 9.13 -14.26
C SER A 116 -15.71 8.34 -13.62
N LEU A 117 -15.38 7.14 -13.16
CA LEU A 117 -16.26 6.30 -12.37
C LEU A 117 -15.68 6.18 -10.97
N THR A 118 -16.47 6.50 -9.96
CA THR A 118 -16.02 6.41 -8.58
C THR A 118 -16.85 5.40 -7.82
N ILE A 119 -16.19 4.54 -7.07
CA ILE A 119 -16.82 3.58 -6.17
C ILE A 119 -16.69 4.08 -4.74
N ILE A 120 -17.77 3.99 -3.97
CA ILE A 120 -17.80 4.40 -2.57
C ILE A 120 -18.29 3.23 -1.74
N VAL A 121 -17.60 2.95 -0.63
CA VAL A 121 -18.11 2.07 0.40
C VAL A 121 -18.44 2.93 1.61
N SER A 122 -19.67 2.78 2.13
CA SER A 122 -20.09 3.54 3.31
C SER A 122 -19.51 2.93 4.59
N GLU A 123 -18.92 3.76 5.42
CA GLU A 123 -18.49 3.28 6.74
C GLU A 123 -19.66 3.11 7.70
N GLU A 124 -20.82 3.68 7.39
CA GLU A 124 -21.98 3.54 8.26
C GLU A 124 -22.69 2.23 8.01
N THR A 125 -22.83 1.82 6.75
CA THR A 125 -23.64 0.66 6.41
C THR A 125 -22.90 -0.42 5.63
N GLY A 126 -21.71 -0.14 5.11
CA GLY A 126 -21.11 -1.05 4.17
C GLY A 126 -21.76 -1.06 2.80
N GLY A 127 -22.74 -0.20 2.55
CA GLY A 127 -23.34 -0.14 1.23
C GLY A 127 -22.34 0.34 0.20
N VAL A 128 -22.49 -0.16 -1.02
CA VAL A 128 -21.60 0.16 -2.13
C VAL A 128 -22.37 1.01 -3.12
N SER A 129 -21.76 2.11 -3.56
CA SER A 129 -22.39 2.99 -4.54
C SER A 129 -21.36 3.41 -5.57
N VAL A 130 -21.85 3.98 -6.68
CA VAL A 130 -21.00 4.45 -7.77
C VAL A 130 -21.47 5.83 -8.18
N ALA A 131 -20.54 6.75 -8.36
CA ALA A 131 -20.82 8.07 -8.88
C ALA A 131 -20.30 8.21 -10.30
N LYS A 132 -21.18 8.71 -11.18
CA LYS A 132 -20.85 8.95 -12.57
C LYS A 132 -21.81 10.02 -13.10
N ASN A 133 -21.27 10.99 -13.83
CA ASN A 133 -22.06 11.98 -14.54
C ASN A 133 -22.87 12.87 -13.60
N GLY A 134 -22.47 12.99 -12.32
CA GLY A 134 -23.19 13.78 -11.37
C GLY A 134 -24.25 13.04 -10.58
N ASP A 135 -24.44 11.76 -10.83
CA ASP A 135 -25.42 10.96 -10.13
C ASP A 135 -24.75 9.86 -9.31
N LEU A 136 -25.43 9.50 -8.22
CA LEU A 136 -24.98 8.46 -7.30
C LEU A 136 -25.94 7.28 -7.41
N HIS A 137 -25.41 6.11 -7.71
CA HIS A 137 -26.17 4.86 -7.80
C HIS A 137 -25.92 4.05 -6.55
N ARG A 138 -26.92 3.96 -5.70
CA ARG A 138 -26.75 3.47 -4.34
C ARG A 138 -27.14 2.01 -4.21
N GLU A 139 -26.65 1.41 -3.12
CA GLU A 139 -27.04 0.08 -2.68
C GLU A 139 -26.89 -0.96 -3.78
N LEU A 140 -25.68 -1.04 -4.31
CA LEU A 140 -25.38 -1.93 -5.42
C LEU A 140 -25.06 -3.34 -4.92
N THR A 141 -25.55 -4.33 -5.64
CA THR A 141 -25.10 -5.69 -5.47
C THR A 141 -23.73 -5.89 -6.11
N GLU A 142 -23.12 -7.04 -5.84
CA GLU A 142 -21.86 -7.38 -6.49
C GLU A 142 -22.02 -7.45 -7.99
N GLU A 143 -23.11 -8.09 -8.45
CA GLU A 143 -23.36 -8.18 -9.89
C GLU A 143 -23.54 -6.80 -10.51
N ALA A 144 -24.25 -5.90 -9.83
CA ALA A 144 -24.45 -4.55 -10.34
C ALA A 144 -23.13 -3.80 -10.49
N LEU A 145 -22.26 -3.88 -9.48
CA LEU A 145 -20.99 -3.19 -9.58
C LEU A 145 -20.15 -3.74 -10.72
N LYS A 146 -20.11 -5.07 -10.86
CA LYS A 146 -19.34 -5.68 -11.93
C LYS A 146 -19.86 -5.24 -13.30
N GLU A 147 -21.19 -5.19 -13.45
CA GLU A 147 -21.76 -4.74 -14.71
C GLU A 147 -21.35 -3.31 -15.02
N MET A 148 -21.34 -2.44 -14.00
CA MET A 148 -20.91 -1.06 -14.23
C MET A 148 -19.46 -1.00 -14.64
N LEU A 149 -18.59 -1.77 -13.97
CA LEU A 149 -17.18 -1.77 -14.34
C LEU A 149 -16.98 -2.30 -15.75
N GLU A 150 -17.69 -3.36 -16.12
CA GLU A 150 -17.55 -3.91 -17.47
C GLU A 150 -18.08 -2.93 -18.50
N ALA A 151 -19.14 -2.20 -18.19
CA ALA A 151 -19.69 -1.26 -19.14
C ALA A 151 -18.74 -0.09 -19.34
N GLU A 152 -18.08 0.33 -18.27
CA GLU A 152 -17.17 1.45 -18.30
C GLU A 152 -15.96 1.14 -19.18
N PRO B 2 24.12 17.61 -4.81
CA PRO B 2 23.99 16.16 -5.05
C PRO B 2 23.28 15.85 -6.36
N THR B 3 23.52 14.67 -6.93
CA THR B 3 22.88 14.32 -8.19
C THR B 3 21.43 13.92 -7.91
N PRO B 4 20.60 13.82 -8.94
CA PRO B 4 19.25 13.28 -8.73
C PRO B 4 19.24 11.90 -8.09
N VAL B 5 20.17 11.02 -8.48
CA VAL B 5 20.26 9.70 -7.87
C VAL B 5 20.50 9.83 -6.36
N GLU B 6 21.42 10.72 -5.97
CA GLU B 6 21.72 10.90 -4.57
C GLU B 6 20.54 11.49 -3.80
N GLU B 7 19.84 12.46 -4.40
CA GLU B 7 18.66 13.02 -3.74
C GLU B 7 17.56 11.98 -3.59
N ALA B 8 17.35 11.16 -4.62
CA ALA B 8 16.35 10.11 -4.53
C ALA B 8 16.69 9.13 -3.41
N GLN B 9 17.97 8.76 -3.30
CA GLN B 9 18.39 7.88 -2.22
C GLN B 9 18.09 8.49 -0.86
N GLN B 10 18.33 9.79 -0.71
CA GLN B 10 18.08 10.45 0.58
C GLN B 10 16.59 10.45 0.91
N LYS B 11 15.73 10.70 -0.09
CA LYS B 11 14.30 10.65 0.13
C LYS B 11 13.85 9.25 0.54
N THR B 12 14.40 8.22 -0.11
CA THR B 12 14.04 6.86 0.24
C THR B 12 14.48 6.52 1.66
N ILE B 13 15.68 6.94 2.06
CA ILE B 13 16.14 6.68 3.44
C ILE B 13 15.23 7.39 4.43
N GLU B 14 14.87 8.63 4.13
CA GLU B 14 13.96 9.36 5.01
C GLU B 14 12.61 8.64 5.14
N ALA B 15 12.07 8.16 4.02
CA ALA B 15 10.81 7.45 4.07
C ALA B 15 10.91 6.19 4.93
N ILE B 16 11.98 5.42 4.73
CA ILE B 16 12.15 4.19 5.51
C ILE B 16 12.28 4.50 6.99
N THR B 17 13.13 5.46 7.34
CA THR B 17 13.37 5.72 8.76
C THR B 17 12.10 6.22 9.45
N LYS B 18 11.34 7.09 8.77
N LYS B 18 11.33 7.08 8.76
CA LYS B 18 10.09 7.58 9.36
CA LYS B 18 10.08 7.58 9.34
C LYS B 18 9.13 6.42 9.60
C LYS B 18 9.12 6.43 9.59
N ALA B 19 9.04 5.49 8.64
CA ALA B 19 8.12 4.36 8.80
C ALA B 19 8.58 3.47 9.92
N ILE B 20 9.87 3.12 9.95
CA ILE B 20 10.39 2.24 10.99
C ILE B 20 10.18 2.86 12.38
N ASN B 21 10.47 4.16 12.52
CA ASN B 21 10.30 4.83 13.81
C ASN B 21 8.84 4.79 14.26
N TYR B 22 7.91 5.01 13.32
N TYR B 22 7.90 5.00 13.33
CA TYR B 22 6.49 4.93 13.63
CA TYR B 22 6.48 4.93 13.66
C TYR B 22 6.10 3.54 14.12
C TYR B 22 6.10 3.53 14.14
N MET B 23 6.52 2.51 13.39
CA MET B 23 6.17 1.15 13.77
C MET B 23 6.81 0.70 15.06
N ALA B 24 8.07 1.07 15.28
CA ALA B 24 8.72 0.76 16.56
C ALA B 24 7.93 1.33 17.74
N LYS B 25 7.48 2.59 17.62
CA LYS B 25 6.78 3.23 18.72
C LYS B 25 5.46 2.52 19.04
N ARG B 26 4.80 2.01 18.01
CA ARG B 26 3.52 1.32 18.15
C ARG B 26 3.66 -0.19 18.20
N ARG B 27 4.88 -0.72 18.24
CA ARG B 27 5.10 -2.15 18.34
C ARG B 27 4.42 -2.89 17.18
N ILE B 28 4.51 -2.32 15.98
CA ILE B 28 4.05 -2.95 14.75
C ILE B 28 5.21 -3.77 14.19
N GLY B 29 5.03 -5.08 14.14
CA GLY B 29 6.07 -5.93 13.59
C GLY B 29 6.28 -5.64 12.11
N ALA B 30 7.53 -5.64 11.68
CA ALA B 30 7.83 -5.34 10.29
C ALA B 30 9.10 -6.05 9.87
N LEU B 31 9.20 -6.32 8.56
CA LEU B 31 10.30 -7.06 7.98
C LEU B 31 10.54 -6.46 6.59
N LEU B 32 11.64 -5.74 6.43
CA LEU B 32 11.86 -4.90 5.26
C LEU B 32 13.27 -5.14 4.73
N THR B 33 13.36 -5.79 3.59
CA THR B 33 14.63 -6.15 2.97
C THR B 33 14.91 -5.21 1.81
N ILE B 34 16.10 -4.62 1.81
CA ILE B 34 16.57 -3.73 0.75
C ILE B 34 17.56 -4.50 -0.12
N GLU B 35 17.16 -4.78 -1.36
CA GLU B 35 18.03 -5.47 -2.31
C GLU B 35 19.24 -4.59 -2.59
N ARG B 36 20.40 -5.24 -2.71
CA ARG B 36 21.64 -4.54 -3.06
C ARG B 36 22.15 -5.09 -4.38
N ASP B 37 23.38 -5.62 -4.43
CA ASP B 37 23.91 -6.09 -5.71
C ASP B 37 23.52 -7.52 -6.04
N THR B 38 23.18 -8.33 -5.05
CA THR B 38 22.70 -9.68 -5.31
C THR B 38 21.20 -9.62 -5.60
N GLY B 39 20.81 -10.02 -6.81
CA GLY B 39 19.40 -9.90 -7.18
C GLY B 39 18.54 -10.83 -6.36
N MET B 40 17.36 -10.34 -5.99
CA MET B 40 16.41 -11.08 -5.18
C MET B 40 15.11 -11.43 -5.88
N GLY B 41 15.18 -11.56 -7.20
CA GLY B 41 13.98 -11.82 -7.97
C GLY B 41 13.22 -13.05 -7.51
N ASP B 42 13.93 -14.13 -7.18
CA ASP B 42 13.27 -15.37 -6.79
C ASP B 42 12.39 -15.14 -5.55
N TYR B 43 12.83 -14.28 -4.65
CA TYR B 43 12.05 -13.99 -3.45
C TYR B 43 10.96 -12.96 -3.70
N ILE B 44 11.27 -11.95 -4.52
CA ILE B 44 10.27 -10.97 -4.92
C ILE B 44 9.07 -11.66 -5.55
N GLU B 45 9.32 -12.67 -6.37
CA GLU B 45 8.26 -13.34 -7.11
C GLU B 45 7.33 -14.16 -6.23
N THR B 46 7.70 -14.41 -4.97
CA THR B 46 6.82 -15.13 -4.07
C THR B 46 5.76 -14.24 -3.43
N GLY B 47 5.90 -12.93 -3.51
CA GLY B 47 5.01 -12.01 -2.83
C GLY B 47 3.94 -11.46 -3.76
N ILE B 48 3.23 -10.45 -3.25
CA ILE B 48 2.24 -9.72 -4.05
C ILE B 48 2.99 -8.59 -4.74
N PRO B 49 2.95 -8.51 -6.08
CA PRO B 49 3.67 -7.43 -6.77
C PRO B 49 3.05 -6.08 -6.48
N LEU B 50 3.89 -5.09 -6.16
CA LEU B 50 3.51 -3.70 -5.99
C LEU B 50 4.20 -2.81 -7.01
N ASN B 51 5.52 -2.89 -7.12
CA ASN B 51 6.31 -2.00 -7.98
C ASN B 51 5.91 -0.54 -7.75
N ALA B 52 5.81 -0.18 -6.47
CA ALA B 52 5.27 1.10 -6.07
C ALA B 52 6.35 2.08 -5.65
N LYS B 53 6.10 3.37 -5.86
CA LYS B 53 6.97 4.38 -5.31
C LYS B 53 6.99 4.30 -3.79
N VAL B 54 8.18 4.48 -3.21
CA VAL B 54 8.29 4.39 -1.76
C VAL B 54 7.65 5.62 -1.13
N SER B 55 6.98 5.40 0.00
CA SER B 55 6.57 6.47 0.91
C SER B 55 6.52 5.86 2.30
N SER B 56 6.69 6.71 3.31
CA SER B 56 6.54 6.23 4.67
C SER B 56 5.12 5.75 4.91
N GLU B 57 4.14 6.41 4.29
CA GLU B 57 2.72 6.07 4.48
C GLU B 57 2.44 4.66 3.96
N LEU B 58 2.93 4.34 2.76
CA LEU B 58 2.68 3.00 2.21
C LEU B 58 3.37 1.92 3.02
N LEU B 59 4.63 2.18 3.43
CA LEU B 59 5.34 1.20 4.26
C LEU B 59 4.57 0.90 5.53
N ILE B 60 4.09 1.93 6.22
CA ILE B 60 3.31 1.73 7.44
C ILE B 60 2.04 0.94 7.15
N ASN B 61 1.28 1.36 6.12
CA ASN B 61 0.02 0.70 5.80
C ASN B 61 0.23 -0.78 5.52
N ILE B 62 1.35 -1.14 4.88
CA ILE B 62 1.59 -2.53 4.53
C ILE B 62 1.62 -3.42 5.77
N PHE B 63 2.25 -2.95 6.84
CA PHE B 63 2.50 -3.81 7.98
C PHE B 63 1.45 -3.73 9.07
N ILE B 64 0.35 -3.02 8.86
CA ILE B 64 -0.68 -2.98 9.90
C ILE B 64 -1.15 -4.40 10.22
N PRO B 65 -1.20 -4.79 11.48
CA PRO B 65 -1.56 -6.18 11.78
C PRO B 65 -2.93 -6.56 11.23
N ASN B 66 -3.07 -7.85 10.93
CA ASN B 66 -4.33 -8.45 10.51
C ASN B 66 -4.81 -7.93 9.16
N THR B 67 -3.89 -7.57 8.28
CA THR B 67 -4.21 -7.11 6.94
C THR B 67 -3.61 -8.03 5.89
N PRO B 68 -4.09 -7.95 4.64
CA PRO B 68 -3.57 -8.88 3.62
C PRO B 68 -2.05 -8.87 3.43
N LEU B 69 -1.40 -7.72 3.52
CA LEU B 69 0.00 -7.61 3.15
C LEU B 69 0.98 -7.70 4.33
N HIS B 70 0.50 -7.84 5.56
CA HIS B 70 1.38 -7.66 6.70
C HIS B 70 2.30 -8.85 6.98
N ASP B 71 1.96 -10.04 6.52
CA ASP B 71 2.71 -11.24 6.88
C ASP B 71 3.71 -11.55 5.77
N GLY B 72 4.97 -11.58 6.11
CA GLY B 72 6.03 -11.78 5.15
C GLY B 72 6.83 -10.51 4.96
N ALA B 73 7.79 -10.57 4.06
CA ALA B 73 8.72 -9.47 3.88
C ALA B 73 8.29 -8.51 2.78
N VAL B 74 8.54 -7.25 3.01
CA VAL B 74 8.60 -6.25 1.95
C VAL B 74 10.01 -6.27 1.38
N ILE B 75 10.11 -6.31 0.05
CA ILE B 75 11.40 -6.24 -0.64
C ILE B 75 11.43 -4.98 -1.48
N MET B 76 12.41 -4.13 -1.22
CA MET B 76 12.62 -2.89 -1.94
C MET B 76 13.77 -3.03 -2.95
N LYS B 77 13.54 -2.45 -4.12
CA LYS B 77 14.55 -2.37 -5.18
C LYS B 77 14.74 -0.89 -5.43
N ASN B 78 15.93 -0.40 -5.09
CA ASN B 78 16.29 1.01 -5.17
C ASN B 78 15.19 1.86 -4.54
N ASN B 79 14.46 2.63 -5.35
CA ASN B 79 13.49 3.56 -4.82
C ASN B 79 12.07 3.06 -4.94
N GLU B 80 11.89 1.75 -5.08
CA GLU B 80 10.57 1.16 -5.25
C GLU B 80 10.34 0.06 -4.22
N ILE B 81 9.08 -0.08 -3.82
CA ILE B 81 8.63 -1.26 -3.10
C ILE B 81 8.25 -2.30 -4.14
N ALA B 82 9.10 -3.32 -4.31
CA ALA B 82 8.87 -4.28 -5.39
C ALA B 82 7.67 -5.19 -5.09
N ALA B 83 7.62 -5.74 -3.88
CA ALA B 83 6.56 -6.66 -3.50
C ALA B 83 6.46 -6.72 -2.00
N ALA B 84 5.32 -7.22 -1.52
CA ALA B 84 5.04 -7.38 -0.10
C ALA B 84 4.61 -8.81 0.15
N ALA B 85 4.63 -9.23 1.42
CA ALA B 85 4.23 -10.58 1.80
C ALA B 85 5.10 -11.63 1.12
N CYS B 86 6.40 -11.34 1.03
CA CYS B 86 7.33 -12.24 0.37
C CYS B 86 7.87 -13.28 1.35
N TYR B 87 8.19 -14.46 0.80
CA TYR B 87 8.92 -15.48 1.53
C TYR B 87 10.42 -15.15 1.55
N LEU B 88 11.06 -15.43 2.69
CA LEU B 88 12.50 -15.41 2.87
C LEU B 88 12.88 -16.69 3.61
N PRO B 89 14.08 -17.21 3.34
CA PRO B 89 14.51 -18.45 4.01
C PRO B 89 14.86 -18.18 5.46
N LEU B 90 14.61 -19.18 6.31
CA LEU B 90 14.84 -19.06 7.75
C LEU B 90 16.26 -19.50 8.08
N SER B 91 16.98 -18.64 8.79
CA SER B 91 18.32 -18.98 9.25
C SER B 91 18.25 -19.97 10.39
N GLU B 92 19.24 -20.85 10.43
CA GLU B 92 19.46 -21.77 11.54
C GLU B 92 20.64 -21.33 12.40
N SER B 93 21.06 -20.08 12.28
CA SER B 93 22.22 -19.62 13.04
C SER B 93 21.95 -19.71 14.54
N PRO B 94 22.92 -20.19 15.32
CA PRO B 94 22.76 -20.19 16.79
C PRO B 94 22.95 -18.82 17.43
N PHE B 95 23.31 -17.79 16.67
CA PHE B 95 23.52 -16.46 17.23
C PHE B 95 22.29 -15.56 17.09
N ILE B 96 21.14 -16.16 16.86
CA ILE B 96 19.86 -15.46 16.92
C ILE B 96 19.29 -15.69 18.31
N SER B 97 19.08 -14.60 19.05
CA SER B 97 18.51 -14.71 20.39
C SER B 97 17.32 -15.65 20.40
N LYS B 98 17.29 -16.57 21.37
CA LYS B 98 16.32 -17.64 21.36
C LYS B 98 14.88 -17.13 21.46
N GLU B 99 14.67 -15.97 22.08
CA GLU B 99 13.31 -15.45 22.23
C GLU B 99 12.75 -14.89 20.93
N LEU B 100 13.58 -14.67 19.92
CA LEU B 100 13.12 -14.03 18.70
C LEU B 100 12.35 -14.99 17.80
N GLY B 101 11.39 -14.44 17.07
CA GLY B 101 10.52 -15.21 16.22
C GLY B 101 10.92 -15.24 14.76
N THR B 102 9.93 -15.55 13.92
CA THR B 102 10.23 -15.90 12.54
C THR B 102 10.70 -14.70 11.73
N ARG B 103 10.23 -13.48 12.04
CA ARG B 103 10.69 -12.33 11.26
C ARG B 103 12.20 -12.18 11.34
N HIS B 104 12.78 -12.29 12.55
CA HIS B 104 14.23 -12.16 12.71
C HIS B 104 14.98 -13.32 12.05
N ARG B 105 14.44 -14.54 12.14
CA ARG B 105 15.10 -15.67 11.52
C ARG B 105 15.06 -15.57 9.99
N ALA B 106 13.97 -15.05 9.43
CA ALA B 106 13.90 -14.84 7.99
C ALA B 106 14.87 -13.74 7.55
N ALA B 107 14.99 -12.67 8.33
CA ALA B 107 15.92 -11.60 7.98
C ALA B 107 17.36 -12.10 7.98
N VAL B 108 17.75 -12.83 9.02
CA VAL B 108 19.10 -13.37 9.00
C VAL B 108 19.27 -14.35 7.86
N GLY B 109 18.23 -15.14 7.57
CA GLY B 109 18.31 -16.13 6.50
C GLY B 109 18.60 -15.52 5.14
N ILE B 110 17.88 -14.46 4.78
CA ILE B 110 18.16 -13.82 3.49
C ILE B 110 19.52 -13.16 3.52
N SER B 111 19.95 -12.66 4.67
CA SER B 111 21.25 -12.03 4.75
C SER B 111 22.41 -13.01 4.60
N GLU B 112 22.16 -14.30 4.74
CA GLU B 112 23.20 -15.31 4.55
C GLU B 112 23.44 -15.66 3.09
N VAL B 113 22.51 -15.31 2.19
CA VAL B 113 22.62 -15.73 0.78
C VAL B 113 22.54 -14.54 -0.16
N THR B 114 22.54 -13.32 0.40
CA THR B 114 22.56 -12.09 -0.36
C THR B 114 23.36 -11.05 0.39
N ASP B 115 23.69 -9.95 -0.30
CA ASP B 115 24.28 -8.77 0.33
C ASP B 115 23.22 -7.74 0.73
N SER B 116 21.97 -8.17 0.88
CA SER B 116 20.93 -7.22 1.19
C SER B 116 21.03 -6.75 2.63
N LEU B 117 20.32 -5.66 2.92
CA LEU B 117 20.17 -5.16 4.28
C LEU B 117 18.71 -5.28 4.69
N THR B 118 18.44 -5.95 5.80
CA THR B 118 17.07 -6.17 6.26
C THR B 118 16.87 -5.51 7.61
N ILE B 119 15.78 -4.75 7.74
CA ILE B 119 15.38 -4.12 8.98
C ILE B 119 14.21 -4.91 9.56
N ILE B 120 14.21 -5.11 10.87
CA ILE B 120 13.15 -5.82 11.56
C ILE B 120 12.67 -4.97 12.72
N VAL B 121 11.36 -4.84 12.87
CA VAL B 121 10.76 -4.27 14.06
C VAL B 121 10.08 -5.40 14.84
N SER B 122 10.44 -5.53 16.13
CA SER B 122 9.82 -6.56 16.95
C SER B 122 8.43 -6.13 17.42
N GLU B 123 7.44 -7.01 17.20
CA GLU B 123 6.11 -6.74 17.74
C GLU B 123 6.04 -6.95 19.25
N GLU B 124 7.05 -7.60 19.82
CA GLU B 124 7.04 -7.83 21.26
C GLU B 124 7.57 -6.63 22.02
N THR B 125 8.67 -6.05 21.56
CA THR B 125 9.34 -4.99 22.30
C THR B 125 9.40 -3.66 21.59
N GLY B 126 9.13 -3.62 20.28
CA GLY B 126 9.38 -2.43 19.50
C GLY B 126 10.83 -2.21 19.12
N GLY B 127 11.73 -3.10 19.55
CA GLY B 127 13.13 -2.96 19.18
C GLY B 127 13.36 -3.11 17.69
N VAL B 128 14.33 -2.35 17.20
CA VAL B 128 14.71 -2.33 15.80
C VAL B 128 16.05 -3.03 15.64
N SER B 129 16.13 -3.94 14.69
CA SER B 129 17.36 -4.65 14.37
C SER B 129 17.61 -4.65 12.88
N VAL B 130 18.86 -4.95 12.52
CA VAL B 130 19.28 -5.10 11.14
C VAL B 130 20.03 -6.42 10.97
N ALA B 131 19.74 -7.12 9.87
CA ALA B 131 20.46 -8.31 9.45
C ALA B 131 21.26 -8.02 8.21
N LYS B 132 22.53 -8.36 8.25
CA LYS B 132 23.44 -8.16 7.14
C LYS B 132 24.56 -9.19 7.25
N ASN B 133 24.84 -9.87 6.14
CA ASN B 133 25.95 -10.81 6.05
C ASN B 133 25.92 -11.86 7.15
N GLY B 134 24.72 -12.30 7.51
CA GLY B 134 24.57 -13.38 8.46
C GLY B 134 24.55 -12.96 9.91
N ASP B 135 24.71 -11.67 10.21
CA ASP B 135 24.75 -11.15 11.57
C ASP B 135 23.51 -10.31 11.84
N LEU B 136 22.99 -10.44 13.05
CA LEU B 136 21.88 -9.62 13.53
C LEU B 136 22.39 -8.64 14.58
N HIS B 137 22.09 -7.35 14.37
CA HIS B 137 22.43 -6.24 15.25
C HIS B 137 21.15 -5.66 15.84
N ARG B 138 20.99 -5.77 17.16
CA ARG B 138 19.72 -5.50 17.81
C ARG B 138 19.72 -4.13 18.49
N GLU B 139 18.50 -3.72 18.90
CA GLU B 139 18.28 -2.57 19.77
C GLU B 139 18.91 -1.29 19.19
N LEU B 140 18.72 -1.05 17.91
CA LEU B 140 19.33 0.10 17.28
C LEU B 140 18.60 1.39 17.65
N THR B 141 19.36 2.44 17.87
CA THR B 141 18.77 3.76 18.01
C THR B 141 18.35 4.27 16.64
N GLU B 142 17.52 5.31 16.63
CA GLU B 142 17.14 5.91 15.36
C GLU B 142 18.36 6.40 14.60
N GLU B 143 19.29 7.04 15.32
CA GLU B 143 20.50 7.54 14.67
C GLU B 143 21.31 6.41 14.07
N ALA B 144 21.43 5.29 14.79
CA ALA B 144 22.22 4.16 14.30
C ALA B 144 21.62 3.58 13.04
N LEU B 145 20.29 3.45 13.00
CA LEU B 145 19.65 2.92 11.80
C LEU B 145 19.90 3.83 10.61
N LYS B 146 19.73 5.14 10.81
CA LYS B 146 19.89 6.08 9.70
C LYS B 146 21.31 6.04 9.16
N GLU B 147 22.29 5.98 10.07
CA GLU B 147 23.69 5.89 9.65
C GLU B 147 23.96 4.60 8.89
N MET B 148 23.39 3.48 9.35
CA MET B 148 23.58 2.23 8.63
C MET B 148 23.02 2.33 7.22
N LEU B 149 21.85 2.95 7.07
CA LEU B 149 21.24 3.09 5.76
C LEU B 149 22.07 4.03 4.87
N GLU B 150 22.50 5.16 5.41
CA GLU B 150 23.33 6.06 4.63
C GLU B 150 24.61 5.37 4.18
N ALA B 151 25.21 4.55 5.05
CA ALA B 151 26.45 3.87 4.67
C ALA B 151 26.20 2.79 3.63
N GLU B 152 25.03 2.16 3.68
CA GLU B 152 24.68 1.12 2.73
C GLU B 152 24.62 1.73 1.33
C10 VNO C . 3.77 8.88 7.85
C01 VNO C . -2.71 9.26 9.73
C03 VNO C . -2.52 7.39 11.36
C04 VNO C . -0.41 8.36 10.44
C07 VNO C . -0.13 10.26 8.76
C08 VNO C . 1.87 9.11 9.70
C09 VNO C . 2.54 8.24 8.24
C14 VNO C . 2.53 10.39 9.77
N02 VNO C . -1.87 8.36 10.49
N06 VNO C . 0.43 9.24 9.62
O05 VNO C . 0.13 7.56 11.12
O12 VNO C . 4.89 11.02 8.80
O13 VNO C . 2.85 11.25 7.34
S11 VNO C . 3.57 10.52 8.38
MG MG D . 23.48 -3.33 21.75
#